data_5ZW3
#
_entry.id   5ZW3
#
_cell.length_a   76.874
_cell.length_b   116.738
_cell.length_c   43.437
_cell.angle_alpha   90.000
_cell.angle_beta   90.000
_cell.angle_gamma   90.000
#
_symmetry.space_group_name_H-M   'P 21 21 2'
#
loop_
_entity.id
_entity.type
_entity.pdbx_description
1 polymer 'Putative O-methyltransferase YrrM'
2 non-polymer S-ADENOSYL-L-HOMOCYSTEINE
3 non-polymer 'MAGNESIUM ION'
4 water water
#
_entity_poly.entity_id   1
_entity_poly.type   'polypeptide(L)'
_entity_poly.pdbx_seq_one_letter_code
;MTDRYEQINDYIEALLKPRPDNVKRLEAYAEEHHVPIMEKAGMEVLLQILSVKQPKKILEIGTAIGYSAIRMALELPSAE
IYTIERNEKRHEEAVNNIKEFQLDDRIHVFYGDALELADAVHVTAPYDVIFIDAAKGQYQNFFHLYEPMLSPDGVIITDN
VLFKGLVAEDYSKIEPKRRRRLVAKIDEYNHWLMNHPDYQTAIIPVGDGLAISKKKRGHHHHHHG
;
_entity_poly.pdbx_strand_id   A,B
#
loop_
_chem_comp.id
_chem_comp.type
_chem_comp.name
_chem_comp.formula
MG non-polymer 'MAGNESIUM ION' 'Mg 2'
#
# COMPACT_ATOMS: atom_id res chain seq x y z
N THR A 2 -13.61 7.03 21.69
CA THR A 2 -13.22 6.49 20.34
C THR A 2 -12.95 7.64 19.37
N ASP A 3 -11.71 7.79 18.97
CA ASP A 3 -11.31 8.83 18.03
C ASP A 3 -11.59 8.42 16.59
N ARG A 4 -11.27 9.30 15.65
CA ARG A 4 -11.58 9.08 14.24
C ARG A 4 -10.81 7.87 13.69
N TYR A 5 -9.60 7.67 14.20
CA TYR A 5 -8.74 6.60 13.72
C TYR A 5 -9.34 5.23 13.98
N GLU A 6 -9.85 5.04 15.20
CA GLU A 6 -10.41 3.74 15.59
C GLU A 6 -11.81 3.54 14.99
N GLN A 7 -12.50 4.65 14.72
CA GLN A 7 -13.79 4.59 14.05
C GLN A 7 -13.64 4.10 12.61
N ILE A 8 -12.67 4.68 11.90
CA ILE A 8 -12.38 4.27 10.52
C ILE A 8 -11.95 2.81 10.47
N ASN A 9 -11.13 2.39 11.43
CA ASN A 9 -10.66 1.02 11.50
C ASN A 9 -11.83 0.05 11.67
N ASP A 10 -12.78 0.42 12.53
CA ASP A 10 -13.98 -0.37 12.74
C ASP A 10 -14.83 -0.43 11.48
N TYR A 11 -14.93 0.70 10.79
CA TYR A 11 -15.69 0.78 9.54
C TYR A 11 -15.09 -0.15 8.49
N ILE A 12 -13.76 -0.16 8.39
CA ILE A 12 -13.06 -1.04 7.45
C ILE A 12 -13.24 -2.50 7.84
N GLU A 13 -13.12 -2.78 9.13
CA GLU A 13 -13.29 -4.15 9.64
C GLU A 13 -14.70 -4.66 9.38
N ALA A 14 -15.68 -3.75 9.45
CA ALA A 14 -17.07 -4.11 9.23
C ALA A 14 -17.35 -4.45 7.77
N LEU A 15 -16.51 -3.95 6.87
CA LEU A 15 -16.68 -4.19 5.44
C LEU A 15 -15.99 -5.46 4.98
N LEU A 16 -15.09 -5.99 5.80
CA LEU A 16 -14.28 -7.14 5.43
C LEU A 16 -15.15 -8.39 5.26
N LYS A 17 -14.84 -9.20 4.25
CA LYS A 17 -15.39 -10.54 4.15
C LYS A 17 -14.78 -11.45 5.20
N PRO A 18 -15.62 -12.18 5.95
CA PRO A 18 -15.13 -13.04 7.01
C PRO A 18 -14.24 -14.16 6.49
N ARG A 19 -13.13 -14.39 7.17
CA ARG A 19 -12.15 -15.39 6.73
C ARG A 19 -12.69 -16.80 6.98
N PRO A 20 -12.02 -17.81 6.42
CA PRO A 20 -12.35 -19.20 6.70
C PRO A 20 -12.32 -19.51 8.19
N ASP A 21 -12.88 -20.67 8.57
CA ASP A 21 -13.06 -21.00 9.98
C ASP A 21 -11.72 -21.23 10.67
N ASN A 22 -10.81 -21.90 9.98
CA ASN A 22 -9.50 -22.23 10.55
C ASN A 22 -8.63 -20.99 10.73
N VAL A 23 -8.84 -19.99 9.88
CA VAL A 23 -8.16 -18.71 10.03
C VAL A 23 -8.73 -17.93 11.20
N LYS A 24 -10.06 -18.00 11.37
CA LYS A 24 -10.73 -17.33 12.49
C LYS A 24 -10.30 -17.93 13.83
N ARG A 25 -9.99 -19.22 13.83
CA ARG A 25 -9.52 -19.90 15.03
C ARG A 25 -8.17 -19.35 15.48
N LEU A 26 -7.30 -19.03 14.53
CA LEU A 26 -6.02 -18.40 14.83
C LEU A 26 -6.22 -17.02 15.43
N GLU A 27 -7.15 -16.26 14.84
CA GLU A 27 -7.47 -14.93 15.34
C GLU A 27 -8.06 -14.99 16.74
N ALA A 28 -8.88 -16.02 17.00
CA ALA A 28 -9.47 -16.22 18.32
C ALA A 28 -8.40 -16.59 19.35
N TYR A 29 -7.54 -17.53 18.97
CA TYR A 29 -6.45 -17.95 19.84
C TYR A 29 -5.55 -16.77 20.19
N ALA A 30 -5.24 -15.94 19.19
CA ALA A 30 -4.33 -14.81 19.39
C ALA A 30 -4.93 -13.78 20.35
N GLU A 31 -6.25 -13.59 20.26
CA GLU A 31 -6.96 -12.73 21.20
C GLU A 31 -6.91 -13.30 22.61
N GLU A 32 -7.17 -14.60 22.72
CA GLU A 32 -7.18 -15.28 24.01
C GLU A 32 -5.84 -15.13 24.73
N HIS A 33 -4.75 -15.27 23.97
CA HIS A 33 -3.43 -15.39 24.57
C HIS A 33 -2.55 -14.18 24.27
N HIS A 34 -3.18 -13.06 23.92
CA HIS A 34 -2.49 -11.79 23.76
C HIS A 34 -1.31 -11.91 22.80
N VAL A 35 -1.50 -12.66 21.72
CA VAL A 35 -0.51 -12.73 20.64
C VAL A 35 -0.73 -11.58 19.67
N PRO A 36 0.28 -10.71 19.53
CA PRO A 36 0.14 -9.50 18.72
C PRO A 36 0.25 -9.77 17.22
N ILE A 37 -0.71 -10.52 16.69
CA ILE A 37 -0.79 -10.78 15.26
C ILE A 37 -1.22 -9.52 14.51
N MET A 38 -1.02 -9.53 13.20
CA MET A 38 -1.35 -8.38 12.36
C MET A 38 -2.82 -8.02 12.52
N GLU A 39 -3.08 -6.73 12.73
CA GLU A 39 -4.45 -6.22 12.75
C GLU A 39 -5.16 -6.49 11.43
N LYS A 40 -6.46 -6.74 11.50
CA LYS A 40 -7.22 -7.22 10.35
C LYS A 40 -7.05 -6.29 9.16
N ALA A 41 -7.16 -4.98 9.40
CA ALA A 41 -7.11 -3.99 8.33
C ALA A 41 -5.71 -3.88 7.74
N GLY A 42 -4.71 -3.93 8.61
CA GLY A 42 -3.31 -3.89 8.18
C GLY A 42 -2.93 -5.10 7.35
N MET A 43 -3.52 -6.25 7.70
CA MET A 43 -3.23 -7.49 7.00
C MET A 43 -3.79 -7.47 5.58
N GLU A 44 -4.97 -6.89 5.42
CA GLU A 44 -5.60 -6.81 4.11
C GLU A 44 -4.79 -5.94 3.16
N VAL A 45 -4.23 -4.85 3.68
CA VAL A 45 -3.40 -3.96 2.88
C VAL A 45 -2.08 -4.64 2.52
N LEU A 46 -1.50 -5.35 3.49
CA LEU A 46 -0.30 -6.14 3.25
C LEU A 46 -0.51 -7.13 2.10
N LEU A 47 -1.60 -7.90 2.18
CA LEU A 47 -1.84 -8.98 1.23
C LEU A 47 -2.09 -8.43 -0.18
N GLN A 48 -2.75 -7.29 -0.27
CA GLN A 48 -3.09 -6.70 -1.55
C GLN A 48 -1.85 -6.13 -2.24
N ILE A 49 -0.92 -5.61 -1.43
CA ILE A 49 0.38 -5.15 -1.93
C ILE A 49 1.22 -6.35 -2.39
N LEU A 50 1.18 -7.43 -1.63
CA LEU A 50 1.88 -8.66 -2.01
C LEU A 50 1.27 -9.26 -3.28
N SER A 51 -0.05 -9.16 -3.41
CA SER A 51 -0.75 -9.68 -4.58
C SER A 51 -0.36 -8.90 -5.84
N VAL A 52 -0.11 -7.61 -5.67
CA VAL A 52 0.44 -6.79 -6.75
C VAL A 52 1.89 -7.15 -7.03
N LYS A 53 2.65 -7.38 -5.96
CA LYS A 53 4.08 -7.68 -6.07
C LYS A 53 4.31 -9.06 -6.67
N GLN A 54 3.46 -10.01 -6.32
CA GLN A 54 3.61 -11.40 -6.74
C GLN A 54 5.02 -11.94 -6.48
N PRO A 55 5.44 -11.92 -5.20
CA PRO A 55 6.76 -12.38 -4.83
C PRO A 55 6.87 -13.91 -4.83
N LYS A 56 8.05 -14.42 -5.16
CA LYS A 56 8.28 -15.86 -5.17
C LYS A 56 8.86 -16.33 -3.83
N LYS A 57 9.68 -15.49 -3.22
CA LYS A 57 10.24 -15.77 -1.91
C LYS A 57 10.00 -14.62 -0.94
N ILE A 58 9.48 -14.95 0.24
CA ILE A 58 9.24 -13.96 1.29
C ILE A 58 10.03 -14.32 2.55
N LEU A 59 10.68 -13.33 3.14
CA LEU A 59 11.27 -13.47 4.47
C LEU A 59 10.43 -12.72 5.50
N GLU A 60 10.12 -13.40 6.61
CA GLU A 60 9.35 -12.80 7.69
C GLU A 60 10.13 -12.88 9.00
N ILE A 61 10.26 -11.74 9.68
CA ILE A 61 10.92 -11.70 10.98
C ILE A 61 9.88 -11.50 12.08
N GLY A 62 9.61 -12.55 12.83
CA GLY A 62 8.54 -12.56 13.81
C GLY A 62 7.35 -13.39 13.36
N THR A 63 7.43 -14.69 13.59
CA THR A 63 6.39 -15.62 13.15
C THR A 63 5.17 -15.56 14.06
N ALA A 64 5.42 -15.44 15.37
CA ALA A 64 4.43 -15.79 16.38
C ALA A 64 3.83 -17.16 16.09
N ILE A 65 2.51 -17.22 15.86
CA ILE A 65 1.81 -18.49 15.73
C ILE A 65 1.54 -18.84 14.27
N GLY A 66 2.20 -18.14 13.36
CA GLY A 66 2.18 -18.50 11.94
C GLY A 66 1.00 -17.88 11.18
N TYR A 67 0.34 -16.91 11.81
CA TYR A 67 -0.88 -16.35 11.25
C TYR A 67 -0.60 -15.59 9.96
N SER A 68 0.25 -14.57 10.04
CA SER A 68 0.57 -13.76 8.88
C SER A 68 1.23 -14.59 7.78
N ALA A 69 2.07 -15.54 8.17
CA ALA A 69 2.73 -16.43 7.22
C ALA A 69 1.69 -17.29 6.48
N ILE A 70 0.70 -17.77 7.21
CA ILE A 70 -0.36 -18.59 6.62
C ILE A 70 -1.24 -17.77 5.68
N ARG A 71 -1.61 -16.57 6.12
CA ARG A 71 -2.41 -15.67 5.30
C ARG A 71 -1.69 -15.33 4.00
N MET A 72 -0.41 -14.98 4.12
CA MET A 72 0.41 -14.65 2.95
C MET A 72 0.49 -15.85 2.00
N ALA A 73 0.60 -17.05 2.57
CA ALA A 73 0.73 -18.26 1.77
C ALA A 73 -0.56 -18.58 1.00
N LEU A 74 -1.70 -18.37 1.67
CA LEU A 74 -2.99 -18.58 1.04
C LEU A 74 -3.22 -17.61 -0.11
N GLU A 75 -2.72 -16.38 0.06
CA GLU A 75 -2.84 -15.36 -0.97
C GLU A 75 -2.01 -15.71 -2.20
N LEU A 76 -0.85 -16.32 -1.95
CA LEU A 76 0.13 -16.57 -3.01
C LEU A 76 0.48 -18.06 -3.07
N PRO A 77 -0.29 -18.83 -3.86
CA PRO A 77 -0.15 -20.29 -3.89
C PRO A 77 1.25 -20.75 -4.27
N SER A 78 1.92 -20.01 -5.14
CA SER A 78 3.21 -20.43 -5.68
C SER A 78 4.37 -19.96 -4.81
N ALA A 79 4.10 -19.06 -3.88
CA ALA A 79 5.15 -18.39 -3.11
C ALA A 79 5.69 -19.32 -2.02
N GLU A 80 6.99 -19.20 -1.73
CA GLU A 80 7.58 -19.82 -0.57
C GLU A 80 7.95 -18.78 0.49
N ILE A 81 7.71 -19.12 1.75
CA ILE A 81 7.85 -18.15 2.84
C ILE A 81 8.83 -18.68 3.89
N TYR A 82 9.78 -17.84 4.28
CA TYR A 82 10.74 -18.19 5.32
C TYR A 82 10.59 -17.23 6.50
N THR A 83 10.41 -17.78 7.70
CA THR A 83 10.02 -16.97 8.84
C THR A 83 10.79 -17.38 10.10
N ILE A 84 11.05 -16.41 10.97
CA ILE A 84 11.90 -16.61 12.13
C ILE A 84 11.14 -16.33 13.42
N GLU A 85 11.46 -17.08 14.47
CA GLU A 85 10.79 -16.93 15.76
C GLU A 85 11.69 -17.45 16.88
N ARG A 86 11.91 -16.65 17.90
CA ARG A 86 12.86 -16.98 18.96
C ARG A 86 12.18 -17.59 20.19
N ASN A 87 10.88 -17.32 20.35
CA ASN A 87 10.10 -17.92 21.43
C ASN A 87 9.79 -19.37 21.10
N GLU A 88 10.02 -20.25 22.07
CA GLU A 88 9.90 -21.70 21.85
C GLU A 88 8.44 -22.11 21.69
N LYS A 89 7.57 -21.56 22.54
CA LYS A 89 6.16 -21.93 22.54
C LYS A 89 5.48 -21.50 21.23
N ARG A 90 5.72 -20.26 20.82
CA ARG A 90 5.08 -19.72 19.62
C ARG A 90 5.64 -20.36 18.35
N HIS A 91 6.93 -20.69 18.37
CA HIS A 91 7.54 -21.50 17.32
C HIS A 91 6.84 -22.85 17.22
N GLU A 92 6.60 -23.48 18.37
CA GLU A 92 5.88 -24.75 18.42
C GLU A 92 4.49 -24.61 17.83
N GLU A 93 3.80 -23.52 18.17
CA GLU A 93 2.45 -23.29 17.69
C GLU A 93 2.45 -22.97 16.20
N ALA A 94 3.45 -22.23 15.74
CA ALA A 94 3.58 -21.89 14.32
C ALA A 94 3.73 -23.15 13.47
N VAL A 95 4.60 -24.06 13.91
CA VAL A 95 4.89 -25.26 13.16
C VAL A 95 3.68 -26.19 13.11
N ASN A 96 2.91 -26.21 14.19
CA ASN A 96 1.70 -27.04 14.26
C ASN A 96 0.58 -26.45 13.42
N ASN A 97 0.45 -25.12 13.46
CA ASN A 97 -0.55 -24.43 12.65
C ASN A 97 -0.26 -24.59 11.15
N ILE A 98 0.99 -24.36 10.77
CA ILE A 98 1.39 -24.53 9.38
C ILE A 98 1.16 -25.97 8.91
N LYS A 99 1.46 -26.92 9.79
CA LYS A 99 1.21 -28.33 9.52
C LYS A 99 -0.29 -28.61 9.34
N GLU A 100 -1.10 -27.99 10.19
CA GLU A 100 -2.55 -28.22 10.17
C GLU A 100 -3.18 -27.66 8.90
N PHE A 101 -2.64 -26.56 8.40
CA PHE A 101 -3.12 -25.96 7.16
C PHE A 101 -2.53 -26.67 5.93
N GLN A 102 -1.56 -27.55 6.17
CA GLN A 102 -0.86 -28.25 5.10
C GLN A 102 -0.09 -27.26 4.22
N LEU A 103 0.61 -26.33 4.86
CA LEU A 103 1.45 -25.36 4.15
C LEU A 103 2.91 -25.55 4.53
N ASP A 104 3.24 -26.71 5.09
CA ASP A 104 4.58 -26.97 5.61
C ASP A 104 5.57 -27.23 4.48
N ASP A 105 5.06 -27.44 3.27
CA ASP A 105 5.91 -27.60 2.09
C ASP A 105 6.44 -26.25 1.60
N ARG A 106 5.73 -25.17 1.93
CA ARG A 106 6.04 -23.86 1.36
C ARG A 106 6.46 -22.84 2.43
N ILE A 107 5.96 -23.02 3.65
CA ILE A 107 6.38 -22.18 4.77
C ILE A 107 7.43 -22.90 5.61
N HIS A 108 8.54 -22.20 5.88
CA HIS A 108 9.66 -22.80 6.59
C HIS A 108 10.07 -21.92 7.77
N VAL A 109 10.06 -22.49 8.96
CA VAL A 109 10.25 -21.72 10.19
C VAL A 109 11.64 -21.96 10.77
N PHE A 110 12.39 -20.87 10.98
CA PHE A 110 13.62 -20.93 11.75
C PHE A 110 13.33 -20.69 13.23
N TYR A 111 14.05 -21.41 14.09
CA TYR A 111 13.98 -21.17 15.53
C TYR A 111 15.24 -20.45 16.00
N GLY A 112 15.04 -19.32 16.68
CA GLY A 112 16.15 -18.57 17.26
C GLY A 112 16.00 -17.07 17.03
N ASP A 113 16.89 -16.30 17.66
CA ASP A 113 16.93 -14.85 17.46
C ASP A 113 17.34 -14.54 16.03
N ALA A 114 16.68 -13.54 15.44
CA ALA A 114 16.89 -13.22 14.03
C ALA A 114 18.24 -12.52 13.82
N LEU A 115 18.79 -11.97 14.90
CA LEU A 115 20.09 -11.29 14.84
C LEU A 115 21.25 -12.29 14.85
N GLU A 116 20.93 -13.57 15.00
CA GLU A 116 21.95 -14.61 15.11
C GLU A 116 21.75 -15.71 14.08
N LEU A 117 20.84 -15.49 13.14
CA LEU A 117 20.45 -16.53 12.19
C LEU A 117 20.66 -16.08 10.74
N ALA A 118 21.45 -15.02 10.56
CA ALA A 118 21.59 -14.39 9.24
C ALA A 118 22.17 -15.37 8.22
N ASP A 119 23.09 -16.22 8.69
CA ASP A 119 23.84 -17.10 7.79
C ASP A 119 22.97 -18.25 7.29
N ALA A 120 22.07 -18.73 8.15
CA ALA A 120 21.15 -19.79 7.77
C ALA A 120 20.07 -19.26 6.83
N VAL A 121 19.64 -18.03 7.06
CA VAL A 121 18.65 -17.38 6.20
C VAL A 121 19.25 -17.05 4.84
N HIS A 122 20.55 -16.75 4.82
CA HIS A 122 21.24 -16.36 3.59
C HIS A 122 21.32 -17.51 2.59
N VAL A 123 21.23 -18.74 3.09
CA VAL A 123 21.27 -19.92 2.23
C VAL A 123 20.19 -19.85 1.15
N THR A 124 19.00 -19.38 1.54
CA THR A 124 17.85 -19.36 0.64
C THR A 124 17.51 -17.92 0.20
N ALA A 125 18.45 -17.01 0.41
CA ALA A 125 18.40 -15.69 -0.22
C ALA A 125 18.61 -15.83 -1.73
N PRO A 126 18.08 -14.89 -2.51
CA PRO A 126 17.52 -13.64 -1.99
C PRO A 126 16.01 -13.69 -1.83
N TYR A 127 15.44 -12.60 -1.30
CA TYR A 127 14.02 -12.55 -0.98
C TYR A 127 13.36 -11.36 -1.67
N ASP A 128 12.20 -11.61 -2.26
CA ASP A 128 11.46 -10.56 -2.97
C ASP A 128 10.78 -9.62 -1.99
N VAL A 129 10.33 -10.17 -0.87
CA VAL A 129 9.76 -9.37 0.21
C VAL A 129 10.41 -9.75 1.55
N ILE A 130 10.80 -8.73 2.31
CA ILE A 130 11.16 -8.92 3.71
C ILE A 130 10.16 -8.20 4.61
N PHE A 131 9.45 -8.98 5.43
CA PHE A 131 8.44 -8.43 6.32
C PHE A 131 8.96 -8.41 7.76
N ILE A 132 9.17 -7.20 8.29
CA ILE A 132 9.68 -7.03 9.65
C ILE A 132 8.53 -6.77 10.61
N ASP A 133 8.36 -7.65 11.59
CA ASP A 133 7.24 -7.57 12.52
C ASP A 133 7.61 -8.18 13.86
N ALA A 134 8.71 -7.71 14.43
CA ALA A 134 9.24 -8.28 15.66
C ALA A 134 9.53 -7.18 16.68
N ALA A 135 10.57 -7.36 17.49
CA ALA A 135 10.88 -6.42 18.56
C ALA A 135 11.15 -5.03 17.99
N LYS A 136 10.45 -4.03 18.54
CA LYS A 136 10.44 -2.69 17.95
C LYS A 136 11.80 -2.02 18.11
N GLY A 137 12.49 -2.35 19.21
CA GLY A 137 13.80 -1.76 19.49
C GLY A 137 14.88 -2.23 18.54
N GLN A 138 14.66 -3.36 17.89
CA GLN A 138 15.68 -3.99 17.06
C GLN A 138 15.36 -3.86 15.56
N TYR A 139 14.51 -2.88 15.24
CA TYR A 139 14.05 -2.71 13.86
C TYR A 139 15.18 -2.29 12.94
N GLN A 140 16.00 -1.34 13.41
CA GLN A 140 17.12 -0.84 12.63
C GLN A 140 18.17 -1.92 12.42
N ASN A 141 18.29 -2.82 13.39
CA ASN A 141 19.23 -3.94 13.30
C ASN A 141 18.75 -4.99 12.30
N PHE A 142 17.45 -5.27 12.31
CA PHE A 142 16.85 -6.20 11.35
C PHE A 142 17.04 -5.70 9.92
N PHE A 143 16.75 -4.43 9.70
CA PHE A 143 16.87 -3.82 8.37
C PHE A 143 18.31 -3.90 7.88
N HIS A 144 19.24 -3.49 8.73
CA HIS A 144 20.66 -3.47 8.38
C HIS A 144 21.15 -4.88 8.06
N LEU A 145 20.63 -5.86 8.80
CA LEU A 145 21.16 -7.23 8.74
C LEU A 145 20.65 -7.97 7.50
N TYR A 146 19.42 -7.66 7.08
CA TYR A 146 18.68 -8.54 6.16
C TYR A 146 18.42 -7.89 4.81
N GLU A 147 18.67 -6.59 4.69
CA GLU A 147 18.40 -5.87 3.44
C GLU A 147 19.46 -6.12 2.36
N PRO A 148 20.56 -6.78 2.73
CA PRO A 148 21.45 -7.27 1.67
C PRO A 148 20.90 -8.49 0.94
N MET A 149 19.93 -9.16 1.55
CA MET A 149 19.36 -10.38 0.97
C MET A 149 18.12 -10.08 0.13
N LEU A 150 17.78 -8.79 0.05
CA LEU A 150 16.65 -8.35 -0.76
C LEU A 150 16.98 -8.42 -2.25
N SER A 151 16.01 -8.85 -3.05
CA SER A 151 16.14 -8.82 -4.51
C SER A 151 16.26 -7.38 -5.00
N PRO A 152 16.72 -7.20 -6.25
CA PRO A 152 16.91 -5.86 -6.81
C PRO A 152 15.63 -5.02 -6.81
N ASP A 153 14.52 -5.64 -7.22
CA ASP A 153 13.22 -4.95 -7.24
C ASP A 153 12.36 -5.41 -6.08
N GLY A 154 12.99 -5.58 -4.90
CA GLY A 154 12.30 -6.11 -3.74
C GLY A 154 11.65 -5.03 -2.91
N VAL A 155 10.82 -5.43 -1.95
CA VAL A 155 10.19 -4.49 -1.04
C VAL A 155 10.32 -4.96 0.41
N ILE A 156 10.74 -4.05 1.29
CA ILE A 156 10.76 -4.30 2.72
C ILE A 156 9.56 -3.65 3.38
N ILE A 157 8.81 -4.45 4.15
CA ILE A 157 7.61 -3.96 4.82
C ILE A 157 7.76 -4.09 6.34
N THR A 158 7.49 -2.99 7.04
CA THR A 158 7.62 -2.97 8.50
C THR A 158 6.29 -2.63 9.15
N ASP A 159 5.86 -3.47 10.09
CA ASP A 159 4.66 -3.20 10.88
C ASP A 159 5.03 -2.47 12.18
N ASN A 160 4.06 -1.76 12.74
CA ASN A 160 4.21 -1.10 14.04
C ASN A 160 5.19 0.08 13.96
N VAL A 161 5.02 0.92 12.95
CA VAL A 161 5.87 2.10 12.77
C VAL A 161 5.19 3.37 13.26
N LEU A 162 3.88 3.30 13.49
CA LEU A 162 3.14 4.41 14.10
C LEU A 162 2.82 4.12 15.56
N PHE A 163 2.62 2.85 15.88
CA PHE A 163 2.56 2.40 17.26
C PHE A 163 1.35 3.00 17.99
N LYS A 164 0.19 2.90 17.34
CA LYS A 164 -1.06 3.43 17.89
C LYS A 164 -1.04 4.95 17.94
N GLY A 165 -0.31 5.57 17.01
CA GLY A 165 -0.28 7.02 16.90
C GLY A 165 0.56 7.68 17.97
N LEU A 166 1.28 6.88 18.75
CA LEU A 166 2.04 7.37 19.89
C LEU A 166 3.36 7.99 19.44
N VAL A 167 3.81 7.62 18.24
CA VAL A 167 5.01 8.20 17.65
C VAL A 167 4.75 9.62 17.18
N ALA A 168 3.50 9.92 16.85
CA ALA A 168 3.14 11.20 16.24
C ALA A 168 3.11 12.33 17.27
N GLU A 169 2.87 11.98 18.53
CA GLU A 169 2.77 12.97 19.60
C GLU A 169 4.06 13.05 20.40
N ASP A 170 4.10 13.97 21.36
CA ASP A 170 5.25 14.10 22.26
C ASP A 170 5.27 12.95 23.27
N TYR A 171 6.23 12.04 23.10
CA TYR A 171 6.11 10.69 23.63
C TYR A 171 7.07 10.44 24.79
N SER A 172 7.85 11.45 25.15
CA SER A 172 9.04 11.24 25.96
C SER A 172 8.67 10.90 27.40
N LYS A 173 7.89 11.76 28.04
CA LYS A 173 7.46 11.54 29.41
C LYS A 173 6.26 10.59 29.45
N VAL A 183 9.43 4.20 22.02
CA VAL A 183 8.79 5.04 21.01
C VAL A 183 9.80 5.98 20.36
N ALA A 184 10.77 6.42 21.14
CA ALA A 184 11.91 7.16 20.60
C ALA A 184 12.70 6.32 19.61
N LYS A 185 12.75 5.00 19.86
CA LYS A 185 13.45 4.08 18.97
C LYS A 185 12.67 3.87 17.67
N ILE A 186 11.35 3.79 17.78
CA ILE A 186 10.49 3.70 16.60
C ILE A 186 10.54 5.00 15.80
N ASP A 187 10.46 6.12 16.50
CA ASP A 187 10.55 7.43 15.87
C ASP A 187 11.91 7.63 15.21
N GLU A 188 12.95 7.09 15.84
CA GLU A 188 14.30 7.12 15.27
C GLU A 188 14.38 6.27 14.00
N TYR A 189 13.79 5.08 14.06
CA TYR A 189 13.77 4.18 12.91
C TYR A 189 13.06 4.83 11.72
N ASN A 190 11.94 5.49 11.99
CA ASN A 190 11.17 6.17 10.95
C ASN A 190 11.99 7.28 10.29
N HIS A 191 12.67 8.08 11.11
CA HIS A 191 13.56 9.11 10.60
C HIS A 191 14.72 8.49 9.84
N TRP A 192 15.32 7.45 10.42
CA TRP A 192 16.43 6.74 9.79
C TRP A 192 16.01 6.14 8.44
N LEU A 193 14.79 5.59 8.42
CA LEU A 193 14.30 4.89 7.23
C LEU A 193 13.94 5.87 6.12
N MET A 194 13.37 7.00 6.50
CA MET A 194 12.91 8.00 5.54
C MET A 194 14.09 8.77 4.95
N ASN A 195 15.22 8.77 5.65
CA ASN A 195 16.41 9.47 5.18
C ASN A 195 17.47 8.48 4.69
N HIS A 196 17.02 7.29 4.27
CA HIS A 196 17.93 6.27 3.75
C HIS A 196 18.31 6.59 2.32
N PRO A 197 19.61 6.49 2.00
CA PRO A 197 20.11 6.90 0.68
C PRO A 197 19.79 5.90 -0.44
N ASP A 198 19.49 4.66 -0.05
CA ASP A 198 19.30 3.60 -1.03
C ASP A 198 17.83 3.21 -1.17
N TYR A 199 16.99 3.71 -0.27
CA TYR A 199 15.60 3.28 -0.21
C TYR A 199 14.65 4.48 -0.22
N GLN A 200 13.55 4.34 -0.96
CA GLN A 200 12.42 5.27 -0.83
C GLN A 200 11.26 4.59 -0.10
N THR A 201 10.66 5.32 0.83
CA THR A 201 9.73 4.73 1.79
C THR A 201 8.44 5.56 1.88
N ALA A 202 7.31 4.86 1.92
CA ALA A 202 6.03 5.50 2.26
C ALA A 202 5.48 4.89 3.54
N ILE A 203 4.90 5.73 4.40
CA ILE A 203 4.22 5.26 5.59
C ILE A 203 2.72 5.19 5.37
N ILE A 204 2.17 3.99 5.51
CA ILE A 204 0.71 3.80 5.44
C ILE A 204 0.11 3.81 6.84
N PRO A 205 -0.80 4.76 7.09
CA PRO A 205 -1.52 4.78 8.36
C PRO A 205 -2.70 3.81 8.37
N VAL A 206 -2.39 2.52 8.41
CA VAL A 206 -3.41 1.49 8.62
C VAL A 206 -2.96 0.52 9.72
N GLY A 207 -3.93 0.05 10.50
CA GLY A 207 -3.63 -0.81 11.64
C GLY A 207 -2.70 -0.14 12.62
N ASP A 208 -1.54 -0.75 12.83
CA ASP A 208 -0.54 -0.21 13.75
C ASP A 208 0.50 0.61 12.98
N GLY A 209 0.25 0.84 11.70
CA GLY A 209 1.18 1.59 10.85
C GLY A 209 2.08 0.67 10.06
N LEU A 210 2.05 0.83 8.73
CA LEU A 210 2.94 0.07 7.85
C LEU A 210 3.94 1.02 7.17
N ALA A 211 5.19 0.58 7.08
CA ALA A 211 6.18 1.24 6.24
C ALA A 211 6.54 0.35 5.07
N ILE A 212 6.46 0.90 3.86
CA ILE A 212 6.81 0.17 2.65
C ILE A 212 8.02 0.79 1.98
N SER A 213 9.11 0.03 1.90
CA SER A 213 10.38 0.53 1.43
C SER A 213 10.82 -0.19 0.17
N LYS A 214 11.61 0.49 -0.65
CA LYS A 214 11.96 0.01 -1.98
C LYS A 214 13.24 0.67 -2.47
N LYS A 215 14.05 -0.09 -3.20
CA LYS A 215 15.33 0.42 -3.69
C LYS A 215 15.11 1.56 -4.68
N LYS A 216 15.92 2.60 -4.57
CA LYS A 216 15.74 3.81 -5.38
C LYS A 216 16.24 3.60 -6.80
N ARG A 217 15.74 4.42 -7.72
CA ARG A 217 16.16 4.36 -9.12
C ARG A 217 17.38 5.24 -9.35
N ASP B 3 -7.40 15.73 16.32
CA ASP B 3 -7.59 14.29 16.67
C ASP B 3 -6.39 13.47 16.19
N ARG B 4 -6.41 12.17 16.48
CA ARG B 4 -5.27 11.30 16.21
C ARG B 4 -5.03 11.16 14.70
N TYR B 5 -6.10 11.21 13.92
CA TYR B 5 -6.00 11.03 12.48
C TYR B 5 -5.18 12.14 11.82
N GLU B 6 -5.47 13.38 12.21
CA GLU B 6 -4.78 14.54 11.65
C GLU B 6 -3.37 14.69 12.22
N GLN B 7 -3.17 14.19 13.44
CA GLN B 7 -1.85 14.21 14.07
C GLN B 7 -0.89 13.26 13.36
N ILE B 8 -1.38 12.06 13.06
CA ILE B 8 -0.59 11.07 12.32
C ILE B 8 -0.26 11.58 10.93
N ASN B 9 -1.25 12.19 10.28
CA ASN B 9 -1.07 12.75 8.95
C ASN B 9 0.02 13.82 8.94
N ASP B 10 0.00 14.69 9.95
CA ASP B 10 1.02 15.72 10.11
C ASP B 10 2.40 15.11 10.36
N TYR B 11 2.43 14.05 11.16
CA TYR B 11 3.66 13.35 11.47
C TYR B 11 4.29 12.76 10.21
N ILE B 12 3.45 12.14 9.37
CA ILE B 12 3.91 11.58 8.11
C ILE B 12 4.36 12.68 7.15
N GLU B 13 3.59 13.77 7.10
CA GLU B 13 3.93 14.91 6.24
C GLU B 13 5.25 15.54 6.65
N ALA B 14 5.53 15.54 7.95
CA ALA B 14 6.76 16.12 8.48
C ALA B 14 7.99 15.28 8.11
N LEU B 15 7.77 14.01 7.82
CA LEU B 15 8.86 13.09 7.49
C LEU B 15 9.19 13.11 6.00
N LEU B 16 8.28 13.65 5.19
CA LEU B 16 8.41 13.58 3.74
C LEU B 16 9.61 14.39 3.26
N LYS B 17 10.32 13.85 2.27
CA LYS B 17 11.31 14.62 1.53
C LYS B 17 10.62 15.63 0.63
N PRO B 18 11.06 16.91 0.70
CA PRO B 18 10.39 17.97 -0.05
C PRO B 18 10.49 17.76 -1.56
N ARG B 19 9.38 17.96 -2.26
CA ARG B 19 9.34 17.78 -3.70
C ARG B 19 10.11 18.90 -4.40
N PRO B 20 10.38 18.74 -5.70
CA PRO B 20 10.97 19.83 -6.49
C PRO B 20 10.15 21.11 -6.43
N ASP B 21 10.74 22.21 -6.89
CA ASP B 21 10.13 23.53 -6.74
C ASP B 21 8.88 23.66 -7.59
N ASN B 22 8.94 23.11 -8.80
CA ASN B 22 7.82 23.20 -9.75
C ASN B 22 6.63 22.36 -9.30
N VAL B 23 6.91 21.28 -8.57
CA VAL B 23 5.85 20.47 -7.98
C VAL B 23 5.22 21.18 -6.79
N LYS B 24 6.04 21.86 -6.00
CA LYS B 24 5.56 22.63 -4.85
C LYS B 24 4.66 23.78 -5.29
N ARG B 25 4.93 24.33 -6.47
CA ARG B 25 4.13 25.40 -7.03
C ARG B 25 2.72 24.92 -7.37
N LEU B 26 2.61 23.68 -7.85
CA LEU B 26 1.30 23.08 -8.11
C LEU B 26 0.53 22.89 -6.81
N GLU B 27 1.22 22.44 -5.77
CA GLU B 27 0.61 22.25 -4.46
C GLU B 27 0.15 23.58 -3.88
N ALA B 28 0.94 24.63 -4.11
CA ALA B 28 0.59 25.96 -3.63
C ALA B 28 -0.63 26.50 -4.37
N TYR B 29 -0.62 26.37 -5.68
CA TYR B 29 -1.75 26.81 -6.51
C TYR B 29 -3.04 26.09 -6.09
N ALA B 30 -2.94 24.79 -5.86
CA ALA B 30 -4.11 23.98 -5.54
C ALA B 30 -4.72 24.40 -4.21
N GLU B 31 -3.86 24.77 -3.27
CA GLU B 31 -4.31 25.27 -1.97
C GLU B 31 -4.97 26.64 -2.12
N GLU B 32 -4.36 27.49 -2.93
CA GLU B 32 -4.90 28.84 -3.17
C GLU B 32 -6.31 28.76 -3.76
N HIS B 33 -6.53 27.84 -4.68
CA HIS B 33 -7.74 27.83 -5.50
C HIS B 33 -8.64 26.64 -5.19
N HIS B 34 -8.43 26.05 -4.00
CA HIS B 34 -9.31 24.98 -3.52
C HIS B 34 -9.44 23.85 -4.54
N VAL B 35 -8.34 23.51 -5.20
CA VAL B 35 -8.31 22.35 -6.08
C VAL B 35 -8.00 21.09 -5.27
N PRO B 36 -8.94 20.13 -5.26
CA PRO B 36 -8.81 18.96 -4.39
C PRO B 36 -7.87 17.91 -4.95
N ILE B 37 -6.59 18.27 -5.03
CA ILE B 37 -5.55 17.33 -5.44
C ILE B 37 -5.29 16.31 -4.35
N MET B 38 -4.61 15.23 -4.72
CA MET B 38 -4.27 14.16 -3.77
C MET B 38 -3.51 14.73 -2.58
N GLU B 39 -3.91 14.34 -1.38
CA GLU B 39 -3.19 14.72 -0.17
C GLU B 39 -1.78 14.15 -0.19
N LYS B 40 -0.85 14.88 0.42
CA LYS B 40 0.58 14.55 0.32
C LYS B 40 0.84 13.11 0.74
N ALA B 41 0.24 12.70 1.86
CA ALA B 41 0.48 11.37 2.41
C ALA B 41 -0.17 10.30 1.54
N GLY B 42 -1.37 10.59 1.04
CA GLY B 42 -2.06 9.66 0.15
C GLY B 42 -1.34 9.48 -1.17
N MET B 43 -0.69 10.53 -1.64
CA MET B 43 0.02 10.49 -2.91
C MET B 43 1.28 9.62 -2.82
N GLU B 44 1.94 9.66 -1.67
CA GLU B 44 3.13 8.85 -1.43
C GLU B 44 2.79 7.37 -1.43
N VAL B 45 1.64 7.03 -0.83
CA VAL B 45 1.17 5.65 -0.81
C VAL B 45 0.80 5.19 -2.23
N LEU B 46 0.13 6.06 -2.97
CA LEU B 46 -0.21 5.78 -4.36
C LEU B 46 1.04 5.48 -5.19
N LEU B 47 2.04 6.35 -5.09
CA LEU B 47 3.23 6.27 -5.93
C LEU B 47 4.04 5.01 -5.60
N GLN B 48 4.07 4.65 -4.32
CA GLN B 48 4.84 3.50 -3.88
C GLN B 48 4.20 2.20 -4.35
N ILE B 49 2.87 2.17 -4.38
CA ILE B 49 2.14 1.03 -4.93
C ILE B 49 2.35 0.93 -6.43
N LEU B 50 2.34 2.07 -7.11
CA LEU B 50 2.61 2.11 -8.55
C LEU B 50 4.05 1.72 -8.84
N SER B 51 4.97 2.13 -7.97
CA SER B 51 6.38 1.81 -8.13
C SER B 51 6.62 0.31 -8.00
N VAL B 52 5.82 -0.35 -7.17
CA VAL B 52 5.82 -1.81 -7.09
C VAL B 52 5.17 -2.43 -8.32
N LYS B 53 4.07 -1.83 -8.77
CA LYS B 53 3.33 -2.32 -9.93
C LYS B 53 4.12 -2.15 -11.22
N GLN B 54 4.83 -1.03 -11.34
CA GLN B 54 5.57 -0.69 -12.55
C GLN B 54 4.69 -0.80 -13.79
N PRO B 55 3.58 -0.03 -13.83
CA PRO B 55 2.65 -0.06 -14.94
C PRO B 55 3.19 0.69 -16.16
N LYS B 56 2.83 0.22 -17.35
CA LYS B 56 3.26 0.85 -18.59
C LYS B 56 2.21 1.85 -19.09
N LYS B 57 0.94 1.56 -18.83
CA LYS B 57 -0.14 2.45 -19.19
C LYS B 57 -1.07 2.70 -17.99
N ILE B 58 -1.33 3.98 -17.71
CA ILE B 58 -2.23 4.35 -16.63
C ILE B 58 -3.40 5.16 -17.17
N LEU B 59 -4.61 4.83 -16.72
CA LEU B 59 -5.78 5.64 -16.97
C LEU B 59 -6.19 6.39 -15.70
N GLU B 60 -6.40 7.70 -15.84
CA GLU B 60 -6.79 8.53 -14.71
C GLU B 60 -8.10 9.26 -15.02
N ILE B 61 -9.08 9.12 -14.14
CA ILE B 61 -10.34 9.84 -14.27
C ILE B 61 -10.39 10.98 -13.25
N GLY B 62 -10.25 12.21 -13.74
CA GLY B 62 -10.15 13.37 -12.87
C GLY B 62 -8.74 13.93 -12.84
N THR B 63 -8.43 14.78 -13.82
CA THR B 63 -7.08 15.32 -13.97
C THR B 63 -6.85 16.49 -13.00
N ALA B 64 -7.88 17.28 -12.78
CA ALA B 64 -7.72 18.63 -12.24
C ALA B 64 -6.61 19.37 -12.98
N ILE B 65 -5.56 19.77 -12.26
CA ILE B 65 -4.52 20.62 -12.83
C ILE B 65 -3.28 19.81 -13.21
N GLY B 66 -3.43 18.49 -13.28
CA GLY B 66 -2.38 17.62 -13.81
C GLY B 66 -1.38 17.17 -12.76
N TYR B 67 -1.72 17.40 -11.49
CA TYR B 67 -0.77 17.20 -10.40
C TYR B 67 -0.44 15.72 -10.22
N SER B 68 -1.48 14.91 -9.98
CA SER B 68 -1.28 13.48 -9.76
C SER B 68 -0.70 12.81 -11.01
N ALA B 69 -1.14 13.26 -12.19
CA ALA B 69 -0.61 12.73 -13.44
C ALA B 69 0.88 13.03 -13.57
N ILE B 70 1.29 14.23 -13.19
CA ILE B 70 2.68 14.64 -13.27
C ILE B 70 3.53 13.87 -12.26
N ARG B 71 3.03 13.75 -11.03
CA ARG B 71 3.74 13.00 -10.00
C ARG B 71 3.93 11.54 -10.41
N MET B 72 2.86 10.93 -10.90
CA MET B 72 2.92 9.55 -11.38
C MET B 72 3.94 9.40 -12.51
N ALA B 73 3.98 10.41 -13.39
CA ALA B 73 4.87 10.37 -14.55
C ALA B 73 6.34 10.49 -14.13
N LEU B 74 6.61 11.35 -13.14
CA LEU B 74 7.96 11.52 -12.63
C LEU B 74 8.45 10.25 -11.93
N GLU B 75 7.53 9.56 -11.27
CA GLU B 75 7.86 8.31 -10.57
C GLU B 75 8.18 7.20 -11.58
N LEU B 76 7.50 7.22 -12.73
CA LEU B 76 7.63 6.16 -13.72
C LEU B 76 8.02 6.74 -15.08
N PRO B 77 9.34 6.85 -15.33
CA PRO B 77 9.84 7.53 -16.53
C PRO B 77 9.34 6.91 -17.83
N SER B 78 9.13 5.59 -17.83
CA SER B 78 8.77 4.88 -19.06
C SER B 78 7.27 4.90 -19.30
N ALA B 79 6.50 5.21 -18.26
CA ALA B 79 5.06 4.99 -18.28
C ALA B 79 4.35 6.06 -19.11
N GLU B 80 3.27 5.67 -19.77
CA GLU B 80 2.38 6.62 -20.44
C GLU B 80 1.06 6.74 -19.68
N ILE B 81 0.55 7.97 -19.58
CA ILE B 81 -0.60 8.26 -18.72
C ILE B 81 -1.71 8.92 -19.54
N TYR B 82 -2.92 8.40 -19.40
CA TYR B 82 -4.08 8.96 -20.08
C TYR B 82 -5.12 9.41 -19.06
N THR B 83 -5.49 10.68 -19.13
CA THR B 83 -6.28 11.30 -18.07
C THR B 83 -7.43 12.14 -18.62
N ILE B 84 -8.53 12.19 -17.87
CA ILE B 84 -9.76 12.83 -18.35
C ILE B 84 -10.17 13.96 -17.40
N GLU B 85 -10.73 15.02 -17.97
CA GLU B 85 -11.15 16.18 -17.19
C GLU B 85 -12.24 16.94 -17.94
N ARG B 86 -13.34 17.22 -17.25
CA ARG B 86 -14.52 17.79 -17.89
C ARG B 86 -14.62 19.30 -17.69
N ASN B 87 -13.96 19.81 -16.66
CA ASN B 87 -13.88 21.25 -16.44
C ASN B 87 -12.88 21.88 -17.40
N GLU B 88 -13.29 22.98 -18.04
CA GLU B 88 -12.51 23.59 -19.10
C GLU B 88 -11.26 24.27 -18.56
N LYS B 89 -11.41 24.98 -17.43
CA LYS B 89 -10.30 25.73 -16.85
C LYS B 89 -9.23 24.81 -16.32
N ARG B 90 -9.63 23.77 -15.62
CA ARG B 90 -8.69 22.81 -15.03
C ARG B 90 -7.99 22.01 -16.13
N HIS B 91 -8.73 21.66 -17.17
CA HIS B 91 -8.16 21.03 -18.36
C HIS B 91 -7.09 21.94 -18.98
N GLU B 92 -7.42 23.23 -19.09
CA GLU B 92 -6.48 24.22 -19.61
C GLU B 92 -5.22 24.26 -18.76
N GLU B 93 -5.40 24.24 -17.44
CA GLU B 93 -4.27 24.31 -16.52
C GLU B 93 -3.45 23.02 -16.56
N ALA B 94 -4.13 21.89 -16.71
CA ALA B 94 -3.46 20.59 -16.81
C ALA B 94 -2.54 20.53 -18.02
N VAL B 95 -3.05 20.97 -19.16
CA VAL B 95 -2.30 20.90 -20.42
C VAL B 95 -1.08 21.83 -20.37
N ASN B 96 -1.25 22.97 -19.72
CA ASN B 96 -0.15 23.94 -19.59
C ASN B 96 0.89 23.46 -18.59
N ASN B 97 0.44 22.89 -17.48
CA ASN B 97 1.35 22.32 -16.48
C ASN B 97 2.17 21.18 -17.07
N ILE B 98 1.49 20.24 -17.73
CA ILE B 98 2.17 19.11 -18.35
C ILE B 98 3.16 19.58 -19.41
N LYS B 99 2.79 20.62 -20.15
CA LYS B 99 3.67 21.22 -21.14
C LYS B 99 4.90 21.85 -20.48
N GLU B 100 4.67 22.51 -19.35
CA GLU B 100 5.75 23.21 -18.64
C GLU B 100 6.75 22.21 -18.06
N PHE B 101 6.25 21.05 -17.64
CA PHE B 101 7.12 19.99 -17.12
C PHE B 101 7.79 19.21 -18.25
N GLN B 102 7.32 19.44 -19.47
CA GLN B 102 7.81 18.69 -20.64
C GLN B 102 7.47 17.21 -20.51
N LEU B 103 6.24 16.93 -20.11
CA LEU B 103 5.75 15.55 -20.02
C LEU B 103 4.60 15.33 -21.00
N ASP B 104 4.47 16.22 -21.98
CA ASP B 104 3.35 16.19 -22.90
C ASP B 104 3.50 15.08 -23.95
N ASP B 105 4.68 14.48 -23.99
CA ASP B 105 4.92 13.32 -24.85
C ASP B 105 4.33 12.04 -24.25
N ARG B 106 4.19 12.01 -22.93
CA ARG B 106 3.82 10.78 -22.23
C ARG B 106 2.45 10.90 -21.55
N ILE B 107 2.10 12.11 -21.13
CA ILE B 107 0.79 12.36 -20.52
C ILE B 107 -0.18 12.95 -21.55
N HIS B 108 -1.36 12.35 -21.66
CA HIS B 108 -2.32 12.73 -22.68
C HIS B 108 -3.68 13.03 -22.05
N VAL B 109 -4.18 14.24 -22.24
CA VAL B 109 -5.39 14.71 -21.55
C VAL B 109 -6.59 14.73 -22.49
N PHE B 110 -7.64 14.01 -22.11
CA PHE B 110 -8.93 14.12 -22.79
C PHE B 110 -9.79 15.20 -22.13
N TYR B 111 -10.51 15.95 -22.95
CA TYR B 111 -11.48 16.93 -22.46
C TYR B 111 -12.90 16.39 -22.59
N GLY B 112 -13.63 16.43 -21.48
CA GLY B 112 -15.04 16.04 -21.48
C GLY B 112 -15.39 15.14 -20.31
N ASP B 113 -16.68 14.85 -20.16
CA ASP B 113 -17.14 13.90 -19.16
C ASP B 113 -16.62 12.50 -19.48
N ALA B 114 -16.20 11.79 -18.44
CA ALA B 114 -15.57 10.49 -18.61
C ALA B 114 -16.61 9.42 -19.00
N LEU B 115 -17.88 9.72 -18.75
CA LEU B 115 -18.96 8.81 -19.11
C LEU B 115 -19.32 8.89 -20.59
N GLU B 116 -18.68 9.82 -21.30
CA GLU B 116 -18.98 10.05 -22.72
C GLU B 116 -17.73 9.91 -23.58
N LEU B 117 -16.63 9.44 -22.98
CA LEU B 117 -15.34 9.40 -23.67
C LEU B 117 -14.76 8.00 -23.71
N ALA B 118 -15.61 7.00 -23.47
CA ALA B 118 -15.16 5.63 -23.34
C ALA B 118 -14.48 5.14 -24.62
N ASP B 119 -15.01 5.55 -25.77
CA ASP B 119 -14.59 5.00 -27.05
C ASP B 119 -13.24 5.57 -27.48
N ALA B 120 -12.99 6.82 -27.10
CA ALA B 120 -11.70 7.45 -27.37
C ALA B 120 -10.62 6.88 -26.45
N VAL B 121 -11.00 6.58 -25.22
CA VAL B 121 -10.07 5.96 -24.26
C VAL B 121 -9.76 4.51 -24.66
N HIS B 122 -10.74 3.85 -25.28
CA HIS B 122 -10.59 2.44 -25.63
C HIS B 122 -9.57 2.24 -26.74
N VAL B 123 -9.30 3.29 -27.51
CA VAL B 123 -8.30 3.22 -28.58
C VAL B 123 -6.95 2.78 -28.04
N THR B 124 -6.59 3.28 -26.87
CA THR B 124 -5.28 3.04 -26.28
C THR B 124 -5.36 2.11 -25.08
N ALA B 125 -6.50 1.43 -24.94
CA ALA B 125 -6.63 0.31 -24.00
C ALA B 125 -5.75 -0.86 -24.47
N PRO B 126 -5.32 -1.71 -23.55
CA PRO B 126 -5.80 -1.69 -22.16
C PRO B 126 -4.87 -0.93 -21.23
N TYR B 127 -5.27 -0.86 -19.95
CA TYR B 127 -4.54 -0.07 -18.97
C TYR B 127 -4.14 -0.91 -17.77
N ASP B 128 -2.89 -0.75 -17.31
CA ASP B 128 -2.39 -1.51 -16.18
C ASP B 128 -2.94 -0.98 -14.86
N VAL B 129 -3.14 0.33 -14.81
CA VAL B 129 -3.74 0.97 -13.64
C VAL B 129 -4.86 1.91 -14.08
N ILE B 130 -6.00 1.81 -13.41
CA ILE B 130 -7.05 2.82 -13.54
C ILE B 130 -7.22 3.55 -12.20
N PHE B 131 -6.91 4.84 -12.21
CA PHE B 131 -7.03 5.66 -11.01
C PHE B 131 -8.29 6.53 -11.08
N ILE B 132 -9.26 6.23 -10.22
CA ILE B 132 -10.51 6.98 -10.18
C ILE B 132 -10.46 8.03 -9.08
N ASP B 133 -10.61 9.29 -9.48
CA ASP B 133 -10.47 10.41 -8.54
C ASP B 133 -11.32 11.58 -9.00
N ALA B 134 -12.61 11.33 -9.21
CA ALA B 134 -13.51 12.30 -9.80
C ALA B 134 -14.78 12.42 -8.96
N ALA B 135 -15.91 12.68 -9.62
CA ALA B 135 -17.18 12.87 -8.92
C ALA B 135 -17.56 11.61 -8.15
N LYS B 136 -17.77 11.77 -6.85
CA LYS B 136 -17.97 10.63 -5.95
C LYS B 136 -19.28 9.90 -6.26
N GLY B 137 -20.26 10.65 -6.76
CA GLY B 137 -21.57 10.08 -7.08
C GLY B 137 -21.54 9.16 -8.28
N GLN B 138 -20.53 9.31 -9.12
CA GLN B 138 -20.48 8.58 -10.40
C GLN B 138 -19.42 7.48 -10.36
N TYR B 139 -19.06 7.05 -9.16
CA TYR B 139 -17.96 6.10 -8.99
C TYR B 139 -18.32 4.72 -9.53
N GLN B 140 -19.55 4.30 -9.24
CA GLN B 140 -20.03 3.00 -9.71
C GLN B 140 -20.14 2.97 -11.23
N ASN B 141 -20.44 4.12 -11.82
CA ASN B 141 -20.55 4.24 -13.27
C ASN B 141 -19.18 4.21 -13.93
N PHE B 142 -18.21 4.88 -13.31
CA PHE B 142 -16.82 4.85 -13.79
C PHE B 142 -16.29 3.42 -13.80
N PHE B 143 -16.47 2.71 -12.69
CA PHE B 143 -15.94 1.37 -12.55
C PHE B 143 -16.56 0.44 -13.59
N HIS B 144 -17.88 0.51 -13.72
CA HIS B 144 -18.60 -0.31 -14.69
C HIS B 144 -18.12 -0.04 -16.11
N LEU B 145 -17.83 1.23 -16.40
CA LEU B 145 -17.55 1.65 -17.77
C LEU B 145 -16.13 1.29 -18.19
N TYR B 146 -15.19 1.32 -17.24
CA TYR B 146 -13.77 1.39 -17.58
C TYR B 146 -12.98 0.14 -17.15
N GLU B 147 -13.59 -0.71 -16.34
CA GLU B 147 -12.91 -1.90 -15.85
C GLU B 147 -12.82 -3.02 -16.90
N PRO B 148 -13.52 -2.86 -18.03
CA PRO B 148 -13.25 -3.77 -19.14
C PRO B 148 -11.94 -3.45 -19.87
N MET B 149 -11.43 -2.24 -19.66
CA MET B 149 -10.19 -1.81 -20.32
C MET B 149 -8.97 -2.09 -19.44
N LEU B 150 -9.21 -2.70 -18.27
CA LEU B 150 -8.13 -3.07 -17.37
C LEU B 150 -7.39 -4.30 -17.89
N SER B 151 -6.07 -4.30 -17.74
CA SER B 151 -5.25 -5.48 -18.04
C SER B 151 -5.61 -6.64 -17.13
N PRO B 152 -5.20 -7.86 -17.50
CA PRO B 152 -5.49 -9.05 -16.71
C PRO B 152 -5.00 -8.94 -15.26
N ASP B 153 -3.76 -8.49 -15.09
CA ASP B 153 -3.18 -8.30 -13.76
C ASP B 153 -3.16 -6.82 -13.39
N GLY B 154 -4.25 -6.12 -13.70
CA GLY B 154 -4.32 -4.69 -13.50
C GLY B 154 -4.82 -4.33 -12.11
N VAL B 155 -4.69 -3.05 -11.74
CA VAL B 155 -5.14 -2.57 -10.45
C VAL B 155 -6.01 -1.32 -10.63
N ILE B 156 -7.19 -1.33 -10.02
CA ILE B 156 -8.03 -0.14 -9.97
C ILE B 156 -7.90 0.53 -8.61
N ILE B 157 -7.57 1.82 -8.63
CA ILE B 157 -7.37 2.58 -7.39
C ILE B 157 -8.37 3.73 -7.31
N THR B 158 -9.11 3.79 -6.21
CA THR B 158 -10.13 4.81 -6.02
C THR B 158 -9.80 5.69 -4.82
N ASP B 159 -9.71 7.00 -5.05
CA ASP B 159 -9.58 7.97 -3.96
C ASP B 159 -10.95 8.46 -3.50
N ASN B 160 -11.00 9.00 -2.30
CA ASN B 160 -12.23 9.58 -1.75
C ASN B 160 -13.27 8.52 -1.42
N VAL B 161 -12.83 7.43 -0.79
CA VAL B 161 -13.74 6.36 -0.40
C VAL B 161 -14.13 6.44 1.07
N LEU B 162 -13.39 7.23 1.84
CA LEU B 162 -13.72 7.47 3.25
C LEU B 162 -14.27 8.87 3.46
N PHE B 163 -13.67 9.84 2.80
CA PHE B 163 -14.13 11.23 2.86
C PHE B 163 -14.30 11.79 1.45
N ILE B 186 -21.16 7.07 -1.60
CA ILE B 186 -19.82 6.62 -1.25
C ILE B 186 -19.89 5.34 -0.42
N ASP B 187 -20.74 5.34 0.59
CA ASP B 187 -20.91 4.18 1.46
C ASP B 187 -21.51 3.01 0.68
N GLU B 188 -22.37 3.33 -0.28
CA GLU B 188 -22.92 2.32 -1.18
C GLU B 188 -21.83 1.76 -2.09
N TYR B 189 -21.00 2.64 -2.63
CA TYR B 189 -19.91 2.23 -3.51
C TYR B 189 -18.95 1.30 -2.78
N ASN B 190 -18.65 1.62 -1.53
CA ASN B 190 -17.73 0.82 -0.72
C ASN B 190 -18.27 -0.59 -0.52
N HIS B 191 -19.56 -0.68 -0.20
CA HIS B 191 -20.23 -1.98 -0.07
C HIS B 191 -20.28 -2.70 -1.41
N TRP B 192 -20.64 -1.96 -2.46
CA TRP B 192 -20.68 -2.52 -3.81
C TRP B 192 -19.30 -3.04 -4.22
N LEU B 193 -18.26 -2.28 -3.90
CA LEU B 193 -16.91 -2.60 -4.36
C LEU B 193 -16.34 -3.79 -3.58
N MET B 194 -16.64 -3.83 -2.28
CA MET B 194 -16.09 -4.88 -1.41
C MET B 194 -16.77 -6.23 -1.67
N ASN B 195 -17.98 -6.18 -2.21
CA ASN B 195 -18.73 -7.40 -2.51
C ASN B 195 -18.79 -7.66 -4.01
N HIS B 196 -17.76 -7.21 -4.73
CA HIS B 196 -17.64 -7.50 -6.15
C HIS B 196 -17.11 -8.91 -6.35
N PRO B 197 -17.74 -9.69 -7.25
CA PRO B 197 -17.40 -11.11 -7.42
C PRO B 197 -16.09 -11.33 -8.17
N ASP B 198 -15.65 -10.33 -8.92
CA ASP B 198 -14.50 -10.48 -9.81
C ASP B 198 -13.27 -9.77 -9.24
N TYR B 199 -13.47 -8.96 -8.21
CA TYR B 199 -12.39 -8.12 -7.68
C TYR B 199 -12.26 -8.31 -6.17
N GLN B 200 -11.01 -8.32 -5.69
CA GLN B 200 -10.73 -8.23 -4.26
C GLN B 200 -10.15 -6.86 -3.93
N THR B 201 -10.61 -6.27 -2.83
CA THR B 201 -10.34 -4.87 -2.53
C THR B 201 -9.88 -4.71 -1.08
N ALA B 202 -8.85 -3.89 -0.89
CA ALA B 202 -8.48 -3.42 0.44
C ALA B 202 -8.64 -1.90 0.54
N ILE B 203 -9.08 -1.44 1.71
CA ILE B 203 -9.23 0.00 1.94
C ILE B 203 -8.07 0.51 2.79
N ILE B 204 -7.34 1.47 2.24
CA ILE B 204 -6.26 2.14 2.99
C ILE B 204 -6.77 3.46 3.56
N PRO B 205 -6.75 3.60 4.89
CA PRO B 205 -7.20 4.83 5.52
C PRO B 205 -6.12 5.91 5.55
N VAL B 206 -5.83 6.47 4.37
CA VAL B 206 -4.88 7.56 4.26
C VAL B 206 -5.47 8.69 3.41
N GLY B 207 -5.19 9.92 3.80
CA GLY B 207 -5.79 11.09 3.15
C GLY B 207 -7.31 11.03 3.18
N ASP B 208 -7.91 11.04 1.99
CA ASP B 208 -9.35 10.96 1.86
C ASP B 208 -9.82 9.51 1.73
N GLY B 209 -8.88 8.57 1.86
CA GLY B 209 -9.20 7.14 1.80
C GLY B 209 -8.94 6.57 0.42
N LEU B 210 -8.12 5.52 0.37
CA LEU B 210 -7.81 4.84 -0.89
C LEU B 210 -8.38 3.44 -0.90
N ALA B 211 -8.94 3.04 -2.04
CA ALA B 211 -9.31 1.64 -2.27
C ALA B 211 -8.45 1.03 -3.36
N ILE B 212 -7.83 -0.11 -3.05
CA ILE B 212 -6.99 -0.82 -4.01
C ILE B 212 -7.68 -2.12 -4.44
N SER B 213 -8.06 -2.19 -5.70
CA SER B 213 -8.83 -3.33 -6.20
C SER B 213 -8.03 -4.10 -7.26
N LYS B 214 -8.29 -5.40 -7.33
CA LYS B 214 -7.52 -6.30 -8.20
C LYS B 214 -8.34 -7.54 -8.52
N LYS B 215 -8.13 -8.10 -9.71
CA LYS B 215 -8.85 -9.30 -10.12
C LYS B 215 -8.55 -10.46 -9.17
N LYS B 216 -9.58 -11.22 -8.84
CA LYS B 216 -9.49 -12.21 -7.78
C LYS B 216 -8.45 -13.29 -8.09
N ARG B 217 -8.40 -13.71 -9.35
CA ARG B 217 -7.43 -14.71 -9.78
C ARG B 217 -6.64 -14.21 -10.99
N SAH C . 3.88 -11.56 12.23
CA SAH C . 3.00 -12.12 13.30
CB SAH C . 3.16 -11.32 14.59
CG SAH C . 4.56 -11.48 15.17
SD SAH C . 4.60 -10.83 16.81
C SAH C . 1.57 -12.06 12.85
O SAH C . 1.09 -11.02 12.39
OXT SAH C . 0.83 -13.04 12.92
C5' SAH C . 6.33 -10.63 17.06
C4' SAH C . 7.00 -11.98 17.27
O4' SAH C . 8.39 -11.90 16.94
C3' SAH C . 6.91 -12.45 18.71
O3' SAH C . 6.23 -13.70 18.77
C2' SAH C . 8.35 -12.60 19.18
O2' SAH C . 8.54 -13.84 19.90
C1' SAH C . 9.16 -12.60 17.90
N9 SAH C . 10.49 -11.94 18.08
C8 SAH C . 10.71 -10.75 18.66
N7 SAH C . 12.03 -10.43 18.57
C5 SAH C . 12.59 -11.25 17.67
C6 SAH C . 14.00 -11.59 17.33
N6 SAH C . 15.00 -10.70 17.53
N1 SAH C . 14.23 -12.73 16.64
C2 SAH C . 13.21 -13.55 16.27
N3 SAH C . 11.99 -13.45 16.81
C4 SAH C . 11.58 -12.29 17.39
MG MG D . 2.90 -6.19 14.36
N SAH E . -6.48 13.50 -9.47
CA SAH E . -6.28 14.95 -9.18
CB SAH E . -7.48 15.51 -8.42
CG SAH E . -8.76 15.41 -9.25
SD SAH E . -10.00 16.42 -8.52
C SAH E . -5.04 15.12 -8.35
O SAH E . -4.89 14.48 -7.30
OXT SAH E . -4.19 15.96 -8.64
C5' SAH E . -11.44 15.83 -9.35
C4' SAH E . -11.48 16.39 -10.77
O4' SAH E . -12.20 15.50 -11.64
C3' SAH E . -12.18 17.75 -10.84
O3' SAH E . -11.27 18.74 -11.34
C2' SAH E . -13.34 17.56 -11.81
O2' SAH E . -13.41 18.64 -12.74
C1' SAH E . -13.05 16.25 -12.51
N9 SAH E . -14.30 15.50 -12.80
C8 SAH E . -15.30 15.25 -11.93
N7 SAH E . -16.27 14.52 -12.53
C5 SAH E . -15.76 14.02 -13.67
C6 SAH E . -16.36 13.39 -14.88
N6 SAH E . -17.52 12.70 -14.79
N1 SAH E . -15.61 13.32 -16.00
C2 SAH E . -14.37 13.86 -16.05
N3 SAH E . -13.94 14.72 -15.12
C4 SAH E . -14.48 14.71 -13.87
MG MG F . -9.56 12.81 -4.33
#